data_2YCA
#
_entry.id   2YCA
#
_cell.length_a   56.747
_cell.length_b   162.330
_cell.length_c   49.789
_cell.angle_alpha   90.00
_cell.angle_beta   90.00
_cell.angle_gamma   90.00
#
_symmetry.space_group_name_H-M   'P 21 21 2'
#
loop_
_entity.id
_entity.type
_entity.pdbx_description
1 polymer 'P-450-LIKE PROTEIN'
2 non-polymer 'PROTOPORPHYRIN IX CONTAINING FE'
3 non-polymer 'MYCINAMICIN III'
4 non-polymer GLYCEROL
5 non-polymer 'SUCCINIC ACID'
6 water water
#
_entity_poly.entity_id   1
_entity_poly.type   'polypeptide(L)'
_entity_poly.pdbx_seq_one_letter_code
;MGSSHHHHHHSSGLVPRGSHMTSAEPRAYPFNDVHGLTLAGRYGELQETEPVSRVRPPYGEEAWLVTRYEDVRAVLGDGR
FVRGPSMTRDEPRTRPEMVKGGLLSMDPPEHSRLRRLVVKAFTARRAESLRPRAREIAHELVDQMAATGQPADLVAMFAR
QLPVRVICELLGVPSADHDRFTRWSGAFLSTAEVTAEEMQEAAEQAYAYMGDLIDRRRKEPTDDLVSALVQARDQQDSLS
EQELLDLAIGLLVAGYESTTTQIADFVYLLMTRPELRRQLLDRPELIPSAVEELTRWVPLGVGTAFPRYAVEDVTLRGVT
IRAGEPVLASTGAANRDQAQFPDADRIDVDRTPNQHLGFGHGVHHCLGAPLARVELQVALEVLLQRLPGIRLGIPETQLR
WSEGMLLRGPLELPVVW
;
_entity_poly.pdbx_strand_id   A
#
# COMPACT_ATOMS: atom_id res chain seq x y z
N GLU A 25 28.55 -6.70 -13.65
CA GLU A 25 27.99 -8.09 -13.44
C GLU A 25 26.54 -8.08 -12.77
N PRO A 26 26.30 -7.28 -11.69
CA PRO A 26 24.86 -7.17 -11.30
C PRO A 26 24.07 -6.31 -12.29
N ARG A 27 22.83 -6.69 -12.62
CA ARG A 27 21.97 -5.88 -13.53
C ARG A 27 21.45 -4.56 -12.87
N ALA A 28 21.38 -3.48 -13.63
CA ALA A 28 20.75 -2.25 -13.16
C ALA A 28 19.31 -2.55 -12.77
N TYR A 29 18.82 -1.99 -11.65
CA TYR A 29 17.53 -2.30 -11.11
C TYR A 29 16.98 -0.96 -10.61
N PRO A 30 15.67 -0.70 -10.73
CA PRO A 30 14.49 -1.47 -11.12
C PRO A 30 14.48 -1.81 -12.60
N PHE A 31 13.74 -2.87 -12.93
CA PHE A 31 13.46 -3.27 -14.30
C PHE A 31 12.15 -2.61 -14.75
N ASN A 32 11.18 -2.47 -13.84
CA ASN A 32 9.86 -1.87 -14.24
C ASN A 32 10.05 -0.45 -14.81
N ASP A 33 9.35 -0.15 -15.89
CA ASP A 33 9.20 1.26 -16.34
C ASP A 33 8.13 1.94 -15.47
N VAL A 34 8.45 3.12 -14.89
CA VAL A 34 7.40 3.75 -14.01
C VAL A 34 6.20 4.30 -14.82
N HIS A 35 6.38 4.45 -16.13
CA HIS A 35 5.34 5.09 -16.98
C HIS A 35 4.26 4.14 -17.46
N GLY A 36 3.69 3.40 -16.50
CA GLY A 36 2.69 2.42 -16.81
C GLY A 36 2.74 1.34 -15.74
N LEU A 37 1.94 0.28 -15.92
CA LEU A 37 1.84 -0.82 -14.95
C LEU A 37 2.37 -2.15 -15.49
N THR A 38 3.11 -2.11 -16.58
CA THR A 38 3.61 -3.31 -17.23
C THR A 38 4.60 -3.99 -16.33
N LEU A 39 4.56 -5.33 -16.32
CA LEU A 39 5.55 -6.07 -15.54
C LEU A 39 6.77 -6.26 -16.46
N ALA A 40 7.95 -5.84 -16.06
CA ALA A 40 9.10 -5.89 -16.95
C ALA A 40 9.34 -7.37 -17.35
N GLY A 41 9.66 -7.57 -18.61
CA GLY A 41 9.93 -8.93 -19.17
C GLY A 41 11.13 -9.59 -18.51
N ARG A 42 12.06 -8.79 -17.99
CA ARG A 42 13.23 -9.34 -17.32
C ARG A 42 12.87 -10.26 -16.16
N TYR A 43 11.81 -9.92 -15.42
CA TYR A 43 11.32 -10.80 -14.30
C TYR A 43 11.04 -12.24 -14.72
N GLY A 44 10.28 -12.42 -15.81
CA GLY A 44 9.94 -13.74 -16.39
C GLY A 44 11.19 -14.49 -16.84
N GLU A 45 12.09 -13.78 -17.51
N GLU A 45 12.09 -13.78 -17.52
CA GLU A 45 13.38 -14.33 -17.95
CA GLU A 45 13.38 -14.35 -17.96
C GLU A 45 14.15 -14.91 -16.73
C GLU A 45 14.18 -14.89 -16.75
N LEU A 46 14.31 -14.06 -15.71
CA LEU A 46 14.95 -14.45 -14.45
C LEU A 46 14.23 -15.55 -13.72
N GLN A 47 12.89 -15.51 -13.64
CA GLN A 47 12.18 -16.68 -13.05
C GLN A 47 12.61 -18.02 -13.71
N GLU A 48 12.80 -18.03 -15.02
CA GLU A 48 13.29 -19.24 -15.69
C GLU A 48 14.75 -19.52 -15.45
N THR A 49 15.62 -18.54 -15.53
CA THR A 49 17.03 -18.90 -15.81
C THR A 49 17.95 -18.46 -14.70
N GLU A 50 17.49 -17.55 -13.86
CA GLU A 50 18.34 -17.03 -12.78
C GLU A 50 17.44 -16.51 -11.63
N PRO A 51 16.70 -17.44 -10.99
CA PRO A 51 15.70 -16.99 -10.03
C PRO A 51 16.23 -16.21 -8.81
N VAL A 52 17.53 -16.32 -8.51
CA VAL A 52 18.18 -15.61 -7.44
C VAL A 52 19.35 -14.93 -8.10
N SER A 53 19.25 -13.63 -8.32
CA SER A 53 20.29 -12.91 -9.08
C SER A 53 20.78 -11.66 -8.35
N ARG A 54 21.81 -11.02 -8.88
CA ARG A 54 22.32 -9.79 -8.31
C ARG A 54 21.83 -8.57 -9.08
N VAL A 55 21.49 -7.54 -8.31
CA VAL A 55 21.05 -6.25 -8.90
C VAL A 55 21.79 -5.06 -8.27
N ARG A 56 21.90 -3.98 -9.03
N ARG A 56 21.89 -3.98 -9.04
CA ARG A 56 22.45 -2.72 -8.55
CA ARG A 56 22.44 -2.73 -8.55
C ARG A 56 21.34 -1.68 -8.63
C ARG A 56 21.33 -1.68 -8.64
N PRO A 57 20.74 -1.31 -7.49
CA PRO A 57 19.69 -0.33 -7.46
C PRO A 57 20.31 1.05 -7.58
N PRO A 58 19.47 2.08 -7.87
CA PRO A 58 19.97 3.45 -8.02
C PRO A 58 20.65 4.03 -6.76
N TYR A 59 20.17 3.64 -5.58
CA TYR A 59 20.74 4.10 -4.32
C TYR A 59 20.81 2.89 -3.44
N GLY A 60 21.82 2.89 -2.58
CA GLY A 60 22.01 1.87 -1.57
C GLY A 60 22.88 0.75 -2.09
N GLU A 61 23.12 -0.25 -1.26
CA GLU A 61 23.95 -1.44 -1.65
C GLU A 61 23.37 -2.28 -2.79
N GLU A 62 24.26 -2.95 -3.53
CA GLU A 62 23.84 -4.04 -4.43
C GLU A 62 23.16 -5.12 -3.58
N ALA A 63 22.27 -5.87 -4.18
CA ALA A 63 21.44 -6.77 -3.40
C ALA A 63 21.13 -8.04 -4.22
N TRP A 64 20.68 -9.11 -3.55
CA TRP A 64 20.07 -10.27 -4.20
C TRP A 64 18.63 -9.91 -4.59
N LEU A 65 18.22 -10.37 -5.77
CA LEU A 65 16.82 -10.27 -6.22
C LEU A 65 16.17 -11.69 -6.35
N VAL A 66 15.03 -11.91 -5.68
CA VAL A 66 14.27 -13.13 -5.84
C VAL A 66 12.94 -12.84 -6.53
N THR A 67 12.57 -13.72 -7.46
CA THR A 67 11.45 -13.52 -8.32
C THR A 67 10.40 -14.60 -8.39
N ARG A 68 10.72 -15.86 -8.04
CA ARG A 68 9.71 -16.91 -8.14
C ARG A 68 8.77 -16.78 -6.96
N TYR A 69 7.52 -17.18 -7.15
CA TYR A 69 6.54 -17.12 -6.07
C TYR A 69 7.01 -17.86 -4.80
N GLU A 70 7.57 -19.05 -4.99
CA GLU A 70 7.94 -19.89 -3.86
C GLU A 70 9.03 -19.20 -3.08
N ASP A 71 9.98 -18.57 -3.79
CA ASP A 71 11.17 -17.97 -3.16
C ASP A 71 10.87 -16.61 -2.49
N VAL A 72 10.06 -15.78 -3.13
CA VAL A 72 9.56 -14.58 -2.51
C VAL A 72 8.81 -14.87 -1.23
N ARG A 73 7.87 -15.82 -1.28
CA ARG A 73 7.17 -16.23 -0.09
C ARG A 73 8.16 -16.73 0.96
N ALA A 74 9.14 -17.55 0.57
CA ALA A 74 10.14 -18.04 1.54
C ALA A 74 10.93 -16.93 2.20
N VAL A 75 11.36 -15.96 1.44
CA VAL A 75 12.12 -14.84 2.01
C VAL A 75 11.29 -14.05 3.03
N LEU A 76 10.04 -13.76 2.69
CA LEU A 76 9.19 -12.89 3.49
C LEU A 76 8.74 -13.64 4.74
N GLY A 77 8.84 -14.98 4.69
CA GLY A 77 8.29 -15.80 5.76
C GLY A 77 9.33 -16.42 6.63
N ASP A 78 10.61 -16.24 6.33
CA ASP A 78 11.64 -17.00 7.01
C ASP A 78 12.22 -16.26 8.21
N GLY A 79 12.38 -16.96 9.34
CA GLY A 79 12.96 -16.37 10.53
C GLY A 79 14.36 -15.81 10.36
N ARG A 80 15.06 -16.32 9.35
CA ARG A 80 16.46 -15.90 9.09
C ARG A 80 16.58 -14.60 8.33
N PHE A 81 15.47 -14.01 7.93
CA PHE A 81 15.51 -12.70 7.18
C PHE A 81 14.85 -11.61 8.02
N VAL A 82 15.63 -10.58 8.38
CA VAL A 82 15.19 -9.58 9.34
C VAL A 82 15.11 -8.19 8.69
N ARG A 83 14.36 -7.33 9.37
CA ARG A 83 14.23 -5.91 8.96
C ARG A 83 15.02 -4.89 9.79
N GLY A 84 15.45 -5.26 10.99
CA GLY A 84 16.11 -4.28 11.83
C GLY A 84 17.35 -3.62 11.26
N PRO A 85 18.10 -4.31 10.37
CA PRO A 85 19.26 -3.56 9.84
C PRO A 85 18.90 -2.33 9.00
N SER A 86 17.63 -2.22 8.62
CA SER A 86 17.12 -1.05 7.89
C SER A 86 17.39 0.22 8.62
N MET A 87 17.60 0.14 9.94
CA MET A 87 17.77 1.38 10.72
C MET A 87 19.13 1.99 10.51
N THR A 88 20.14 1.18 10.16
CA THR A 88 21.46 1.75 9.99
C THR A 88 22.07 1.52 8.54
N ARG A 89 21.57 0.52 7.81
CA ARG A 89 22.25 0.13 6.55
C ARG A 89 21.91 1.12 5.43
N ASP A 90 22.80 1.19 4.45
CA ASP A 90 22.51 1.96 3.26
C ASP A 90 21.62 1.09 2.36
N GLU A 91 20.30 1.14 2.61
CA GLU A 91 19.34 0.13 2.12
C GLU A 91 19.21 0.20 0.63
N PRO A 92 19.33 -0.96 -0.07
CA PRO A 92 19.06 -0.94 -1.51
C PRO A 92 17.65 -0.36 -1.77
N ARG A 93 17.50 0.58 -2.70
CA ARG A 93 16.25 1.32 -2.75
C ARG A 93 16.18 2.14 -4.03
N THR A 94 15.01 2.77 -4.25
CA THR A 94 14.78 3.38 -5.56
C THR A 94 14.93 4.90 -5.54
N ARG A 95 15.07 5.52 -4.36
CA ARG A 95 15.13 6.99 -4.24
C ARG A 95 16.31 7.29 -3.34
N PRO A 96 16.85 8.54 -3.38
CA PRO A 96 17.94 9.05 -2.52
C PRO A 96 17.58 9.02 -1.02
N GLU A 97 16.31 9.29 -0.70
CA GLU A 97 15.88 9.33 0.72
C GLU A 97 15.51 7.92 1.17
N MET A 98 15.38 7.72 2.47
CA MET A 98 14.96 6.41 3.04
C MET A 98 13.46 6.37 3.44
N VAL A 99 12.85 5.18 3.53
CA VAL A 99 11.56 5.04 4.26
C VAL A 99 11.97 4.03 5.33
N LYS A 100 12.16 4.49 6.57
CA LYS A 100 12.52 3.57 7.67
C LYS A 100 11.80 3.96 8.97
N GLY A 101 11.76 3.01 9.92
CA GLY A 101 11.08 3.18 11.20
C GLY A 101 9.70 2.57 11.28
N GLY A 102 9.24 2.52 12.51
CA GLY A 102 7.97 1.99 12.76
C GLY A 102 8.04 0.48 12.67
N LEU A 103 6.86 -0.13 12.66
CA LEU A 103 6.75 -1.57 12.73
C LEU A 103 7.59 -2.23 11.64
N LEU A 104 7.60 -1.61 10.45
CA LEU A 104 8.20 -2.29 9.31
C LEU A 104 9.74 -2.36 9.38
N SER A 105 10.32 -1.66 10.36
CA SER A 105 11.75 -1.75 10.62
C SER A 105 12.07 -2.58 11.88
N MET A 106 11.06 -3.24 12.43
CA MET A 106 11.28 -4.01 13.68
C MET A 106 11.25 -5.51 13.42
N ASP A 107 11.80 -6.29 14.36
CA ASP A 107 11.81 -7.75 14.25
C ASP A 107 11.20 -8.37 15.50
N PRO A 108 10.69 -9.61 15.38
CA PRO A 108 10.31 -10.30 16.61
C PRO A 108 11.51 -10.38 17.58
N PRO A 109 11.29 -10.30 18.93
CA PRO A 109 9.96 -10.23 19.55
C PRO A 109 9.39 -8.79 19.71
N GLU A 110 10.20 -7.74 19.49
CA GLU A 110 9.70 -6.33 19.69
C GLU A 110 8.54 -5.99 18.74
N HIS A 111 8.71 -6.38 17.47
CA HIS A 111 7.68 -6.29 16.47
C HIS A 111 6.42 -7.01 16.93
N SER A 112 6.58 -8.23 17.43
CA SER A 112 5.43 -9.08 17.80
C SER A 112 4.57 -8.43 18.86
N ARG A 113 5.20 -7.91 19.90
CA ARG A 113 4.45 -7.18 20.96
C ARG A 113 3.59 -6.01 20.40
N LEU A 114 4.21 -5.18 19.57
CA LEU A 114 3.52 -3.99 19.05
C LEU A 114 2.39 -4.38 18.15
N ARG A 115 2.68 -5.34 17.28
CA ARG A 115 1.69 -5.91 16.40
C ARG A 115 0.43 -6.52 17.12
N ARG A 116 0.62 -7.30 18.18
CA ARG A 116 -0.49 -7.92 18.93
C ARG A 116 -1.43 -6.86 19.45
N LEU A 117 -0.85 -5.81 20.03
CA LEU A 117 -1.65 -4.70 20.61
C LEU A 117 -2.44 -3.93 19.53
N VAL A 118 -1.79 -3.70 18.39
CA VAL A 118 -2.48 -3.01 17.33
C VAL A 118 -3.62 -3.85 16.84
N VAL A 119 -3.39 -5.11 16.49
CA VAL A 119 -4.45 -5.90 15.84
C VAL A 119 -5.58 -6.26 16.81
N LYS A 120 -5.32 -6.20 18.12
CA LYS A 120 -6.40 -6.37 19.06
C LYS A 120 -7.37 -5.22 18.95
N ALA A 121 -6.86 -4.03 18.69
CA ALA A 121 -7.74 -2.85 18.46
C ALA A 121 -8.20 -2.71 16.98
N PHE A 122 -7.31 -2.96 16.03
CA PHE A 122 -7.61 -2.75 14.60
C PHE A 122 -8.01 -4.08 13.93
N THR A 123 -9.24 -4.46 14.18
CA THR A 123 -9.75 -5.80 13.86
C THR A 123 -10.42 -5.79 12.51
N ALA A 124 -10.63 -6.97 11.95
CA ALA A 124 -11.38 -7.18 10.68
C ALA A 124 -12.83 -6.70 10.85
N ARG A 125 -13.44 -6.97 12.01
CA ARG A 125 -14.76 -6.38 12.37
C ARG A 125 -14.82 -4.82 12.27
N ARG A 126 -13.82 -4.14 12.82
CA ARG A 126 -13.78 -2.69 12.84
C ARG A 126 -13.63 -2.24 11.36
N ALA A 127 -12.74 -2.90 10.58
CA ALA A 127 -12.57 -2.50 9.16
C ALA A 127 -13.90 -2.61 8.45
N GLU A 128 -14.57 -3.76 8.60
CA GLU A 128 -15.88 -3.97 7.98
C GLU A 128 -16.92 -2.94 8.45
N SER A 129 -16.85 -2.52 9.72
CA SER A 129 -17.84 -1.57 10.27
C SER A 129 -17.73 -0.20 9.61
N LEU A 130 -16.61 0.05 8.92
CA LEU A 130 -16.39 1.31 8.26
C LEU A 130 -16.92 1.31 6.86
N ARG A 131 -17.36 0.17 6.34
CA ARG A 131 -17.91 0.14 4.96
C ARG A 131 -19.07 1.17 4.72
N PRO A 132 -20.05 1.24 5.64
CA PRO A 132 -21.14 2.22 5.32
C PRO A 132 -20.65 3.68 5.20
N ARG A 133 -19.72 4.09 6.05
CA ARG A 133 -19.21 5.47 6.00
C ARG A 133 -18.31 5.63 4.77
N ALA A 134 -17.52 4.58 4.49
CA ALA A 134 -16.63 4.62 3.31
C ALA A 134 -17.49 4.83 2.05
N ARG A 135 -18.63 4.12 1.95
CA ARG A 135 -19.56 4.34 0.83
C ARG A 135 -20.09 5.77 0.82
N GLU A 136 -20.52 6.29 1.97
CA GLU A 136 -21.01 7.71 2.00
C GLU A 136 -19.96 8.71 1.49
N ILE A 137 -18.71 8.54 1.97
CA ILE A 137 -17.61 9.41 1.60
C ILE A 137 -17.40 9.25 0.06
N ALA A 138 -17.33 8.01 -0.45
CA ALA A 138 -17.17 7.80 -1.93
C ALA A 138 -18.28 8.51 -2.77
N HIS A 139 -19.54 8.42 -2.35
CA HIS A 139 -20.62 9.11 -3.04
C HIS A 139 -20.53 10.63 -2.95
N GLU A 140 -20.10 11.15 -1.81
CA GLU A 140 -19.85 12.63 -1.71
C GLU A 140 -18.73 13.05 -2.65
N LEU A 141 -17.70 12.21 -2.74
CA LEU A 141 -16.57 12.53 -3.63
C LEU A 141 -16.99 12.55 -5.09
N VAL A 142 -17.89 11.62 -5.49
CA VAL A 142 -18.40 11.51 -6.86
C VAL A 142 -19.33 12.70 -7.09
N ASP A 143 -20.15 13.04 -6.09
CA ASP A 143 -20.94 14.29 -6.19
C ASP A 143 -20.06 15.46 -6.54
N GLN A 144 -18.97 15.65 -5.76
CA GLN A 144 -18.09 16.81 -5.93
C GLN A 144 -17.34 16.75 -7.27
N MET A 145 -16.87 15.57 -7.64
CA MET A 145 -16.20 15.42 -8.92
C MET A 145 -17.13 15.74 -10.12
N ALA A 146 -18.30 15.10 -10.15
CA ALA A 146 -19.30 15.34 -11.18
C ALA A 146 -19.64 16.81 -11.33
N ALA A 147 -19.67 17.53 -10.21
CA ALA A 147 -20.04 18.94 -10.20
C ALA A 147 -18.97 19.85 -10.81
N THR A 148 -17.75 19.36 -11.09
CA THR A 148 -16.71 20.23 -11.70
C THR A 148 -16.79 20.07 -13.23
N GLY A 149 -17.72 19.23 -13.68
CA GLY A 149 -17.95 18.98 -15.10
C GLY A 149 -16.87 18.08 -15.70
N GLN A 150 -17.02 17.77 -16.99
CA GLN A 150 -16.11 16.84 -17.67
C GLN A 150 -15.11 17.52 -18.62
N PRO A 151 -13.90 16.95 -18.75
CA PRO A 151 -13.42 15.79 -17.93
C PRO A 151 -13.06 16.24 -16.50
N ALA A 152 -12.98 15.29 -15.57
CA ALA A 152 -12.60 15.61 -14.20
C ALA A 152 -11.44 14.71 -13.81
N ASP A 153 -10.60 15.14 -12.89
CA ASP A 153 -9.42 14.37 -12.54
C ASP A 153 -9.78 13.43 -11.40
N LEU A 154 -10.01 12.15 -11.75
CA LEU A 154 -10.25 11.07 -10.78
C LEU A 154 -9.18 10.97 -9.70
N VAL A 155 -7.93 11.33 -10.01
CA VAL A 155 -6.88 11.19 -9.00
C VAL A 155 -7.07 12.25 -7.87
N ALA A 156 -7.12 13.53 -8.26
CA ALA A 156 -7.12 14.61 -7.30
C ALA A 156 -8.43 14.61 -6.54
N MET A 157 -9.53 14.30 -7.23
CA MET A 157 -10.87 14.50 -6.72
C MET A 157 -11.43 13.24 -6.02
N PHE A 158 -10.88 12.06 -6.34
CA PHE A 158 -11.41 10.84 -5.70
C PHE A 158 -10.35 10.01 -5.06
N ALA A 159 -9.37 9.56 -5.85
CA ALA A 159 -8.33 8.61 -5.33
C ALA A 159 -7.50 9.22 -4.20
N ARG A 160 -7.16 10.51 -4.33
CA ARG A 160 -6.37 11.16 -3.30
C ARG A 160 -7.22 11.57 -2.08
N GLN A 161 -8.55 11.43 -2.15
CA GLN A 161 -9.45 11.87 -1.06
C GLN A 161 -10.03 10.74 -0.23
N LEU A 162 -10.46 9.65 -0.84
CA LEU A 162 -11.16 8.57 -0.12
C LEU A 162 -10.29 7.94 1.03
N PRO A 163 -9.01 7.55 0.75
CA PRO A 163 -8.28 6.76 1.76
C PRO A 163 -7.94 7.58 3.00
N VAL A 164 -7.63 8.87 2.80
CA VAL A 164 -7.22 9.68 3.95
C VAL A 164 -8.46 10.02 4.80
N ARG A 165 -9.60 10.19 4.13
CA ARG A 165 -10.85 10.46 4.85
C ARG A 165 -11.29 9.23 5.60
N VAL A 166 -11.09 8.05 5.00
CA VAL A 166 -11.46 6.82 5.68
C VAL A 166 -10.52 6.60 6.89
N ILE A 167 -9.23 6.93 6.75
CA ILE A 167 -8.35 6.83 7.93
C ILE A 167 -8.80 7.84 9.04
N CYS A 168 -9.17 9.08 8.68
CA CYS A 168 -9.74 9.99 9.67
C CYS A 168 -10.94 9.36 10.40
N GLU A 169 -11.83 8.68 9.68
CA GLU A 169 -12.98 8.02 10.34
C GLU A 169 -12.55 6.89 11.23
N LEU A 170 -11.61 6.11 10.74
CA LEU A 170 -11.05 4.98 11.54
C LEU A 170 -10.47 5.45 12.87
N LEU A 171 -9.58 6.44 12.79
CA LEU A 171 -8.88 6.95 13.95
C LEU A 171 -9.83 7.61 14.99
N GLY A 172 -10.88 8.26 14.48
CA GLY A 172 -11.76 9.11 15.28
C GLY A 172 -11.57 10.62 15.09
N VAL A 173 -10.93 11.08 14.00
CA VAL A 173 -10.77 12.52 13.82
C VAL A 173 -12.20 13.05 13.59
N PRO A 174 -12.65 14.08 14.37
CA PRO A 174 -13.97 14.64 14.07
C PRO A 174 -14.08 15.17 12.62
N SER A 175 -15.25 14.93 12.07
CA SER A 175 -15.67 15.41 10.76
C SER A 175 -15.20 16.84 10.40
N ALA A 176 -15.39 17.76 11.34
CA ALA A 176 -15.02 19.17 11.19
C ALA A 176 -13.55 19.33 10.84
N ASP A 177 -12.74 18.35 11.20
CA ASP A 177 -11.29 18.47 11.04
C ASP A 177 -10.75 17.66 9.86
N HIS A 178 -11.64 16.95 9.13
CA HIS A 178 -11.14 16.10 8.00
C HIS A 178 -10.47 16.91 6.89
N ASP A 179 -11.04 18.06 6.52
CA ASP A 179 -10.36 18.84 5.42
C ASP A 179 -8.95 19.26 5.82
N ARG A 180 -8.76 19.80 7.02
CA ARG A 180 -7.43 20.23 7.36
C ARG A 180 -6.49 19.07 7.63
N PHE A 181 -7.01 17.98 8.17
CA PHE A 181 -6.15 16.86 8.40
C PHE A 181 -5.69 16.28 6.99
N THR A 182 -6.59 16.29 6.03
CA THR A 182 -6.29 15.92 4.65
C THR A 182 -5.19 16.77 4.00
N ARG A 183 -5.29 18.08 4.15
N ARG A 183 -5.27 18.09 4.15
CA ARG A 183 -4.29 19.01 3.67
CA ARG A 183 -4.23 19.02 3.66
C ARG A 183 -2.94 18.70 4.27
C ARG A 183 -2.90 18.66 4.27
N TRP A 184 -2.87 18.43 5.59
CA TRP A 184 -1.57 18.10 6.23
C TRP A 184 -1.08 16.78 5.65
N SER A 185 -1.96 15.79 5.57
CA SER A 185 -1.54 14.46 5.08
C SER A 185 -0.98 14.48 3.68
N GLY A 186 -1.46 15.42 2.84
CA GLY A 186 -1.02 15.43 1.43
C GLY A 186 0.48 15.73 1.25
N ALA A 187 1.06 16.41 2.25
CA ALA A 187 2.49 16.69 2.28
C ALA A 187 3.37 15.43 2.43
N PHE A 188 2.76 14.32 2.84
N PHE A 188 2.74 14.35 2.91
CA PHE A 188 3.49 13.07 2.99
CA PHE A 188 3.39 13.05 3.08
C PHE A 188 3.42 12.18 1.73
C PHE A 188 3.44 12.22 1.76
N LEU A 189 2.67 12.61 0.73
CA LEU A 189 2.62 11.84 -0.52
C LEU A 189 3.94 11.91 -1.26
N SER A 190 4.41 10.77 -1.82
CA SER A 190 5.75 10.81 -2.46
C SER A 190 5.72 11.64 -3.74
N THR A 191 4.52 12.05 -4.15
CA THR A 191 4.32 12.91 -5.34
C THR A 191 4.16 14.39 -4.93
N ALA A 192 4.11 14.70 -3.64
CA ALA A 192 3.96 16.11 -3.22
C ALA A 192 5.12 16.99 -3.69
N GLU A 193 4.81 18.21 -4.16
CA GLU A 193 5.85 19.24 -4.48
C GLU A 193 5.95 20.21 -3.30
N VAL A 194 6.72 19.84 -2.26
CA VAL A 194 6.85 20.60 -1.01
C VAL A 194 8.32 20.60 -0.56
N THR A 195 8.77 21.66 0.12
CA THR A 195 10.17 21.71 0.63
C THR A 195 10.36 20.92 1.93
N ALA A 196 11.64 20.62 2.27
CA ALA A 196 11.98 19.91 3.51
C ALA A 196 11.26 20.50 4.74
N GLU A 197 11.16 21.84 4.75
CA GLU A 197 10.53 22.58 5.84
C GLU A 197 8.99 22.59 5.78
N GLU A 198 8.43 22.59 4.56
CA GLU A 198 6.96 22.50 4.43
C GLU A 198 6.48 21.11 4.88
N MET A 199 7.23 20.04 4.54
CA MET A 199 6.95 18.70 5.07
C MET A 199 7.03 18.70 6.59
N GLN A 200 7.97 19.50 7.09
CA GLN A 200 8.25 19.66 8.51
C GLN A 200 7.12 20.28 9.26
N GLU A 201 6.58 21.38 8.73
CA GLU A 201 5.43 22.03 9.33
C GLU A 201 4.25 21.06 9.33
N ALA A 202 4.01 20.42 8.18
CA ALA A 202 2.88 19.51 8.01
C ALA A 202 2.90 18.38 9.05
N ALA A 203 4.06 17.74 9.20
CA ALA A 203 4.26 16.63 10.17
C ALA A 203 4.05 17.10 11.61
N GLU A 204 4.60 18.27 11.94
CA GLU A 204 4.43 18.83 13.26
C GLU A 204 2.96 19.10 13.55
N GLN A 205 2.21 19.57 12.55
CA GLN A 205 0.76 19.84 12.75
C GLN A 205 0.01 18.56 12.97
N ALA A 206 0.26 17.58 12.10
CA ALA A 206 -0.35 16.27 12.22
C ALA A 206 0.00 15.65 13.59
N TYR A 207 1.28 15.70 13.99
CA TYR A 207 1.68 15.03 15.27
C TYR A 207 1.11 15.76 16.48
N ALA A 208 1.04 17.09 16.46
CA ALA A 208 0.49 17.84 17.60
C ALA A 208 -1.01 17.55 17.70
N TYR A 209 -1.71 17.54 16.55
CA TYR A 209 -3.18 17.24 16.54
C TYR A 209 -3.44 15.83 17.09
N MET A 210 -2.71 14.85 16.56
CA MET A 210 -2.90 13.51 16.98
C MET A 210 -2.55 13.33 18.48
N GLY A 211 -1.49 13.99 18.97
CA GLY A 211 -1.17 13.88 20.39
C GLY A 211 -2.34 14.36 21.25
N ASP A 212 -2.92 15.48 20.87
N ASP A 212 -2.91 15.50 20.89
CA ASP A 212 -4.09 15.99 21.61
CA ASP A 212 -4.12 16.02 21.58
C ASP A 212 -5.34 15.08 21.49
C ASP A 212 -5.31 15.04 21.50
N LEU A 213 -5.55 14.47 20.32
CA LEU A 213 -6.74 13.59 20.14
C LEU A 213 -6.61 12.32 21.04
N ILE A 214 -5.38 11.79 21.11
CA ILE A 214 -5.07 10.68 22.00
C ILE A 214 -5.36 11.02 23.47
N ASP A 215 -4.86 12.17 23.91
N ASP A 215 -4.88 12.15 23.97
CA ASP A 215 -5.10 12.70 25.27
CA ASP A 215 -5.23 12.53 25.35
C ASP A 215 -6.60 12.83 25.61
C ASP A 215 -6.74 12.57 25.53
N ARG A 216 -7.41 13.30 24.64
CA ARG A 216 -8.88 13.45 24.77
C ARG A 216 -9.60 12.10 24.86
N ARG A 217 -9.21 11.17 23.99
CA ARG A 217 -9.73 9.79 24.05
C ARG A 217 -9.30 9.02 25.31
N ARG A 218 -8.13 9.29 25.88
CA ARG A 218 -7.75 8.63 27.13
C ARG A 218 -8.73 9.07 28.25
N LYS A 219 -8.93 10.38 28.37
CA LYS A 219 -9.89 10.99 29.34
C LYS A 219 -11.33 10.61 29.03
N GLU A 220 -11.74 10.54 27.78
CA GLU A 220 -13.16 10.28 27.43
C GLU A 220 -13.25 9.35 26.26
N PRO A 221 -13.23 8.01 26.49
CA PRO A 221 -13.09 7.13 25.32
C PRO A 221 -14.36 7.11 24.52
N THR A 222 -14.21 6.83 23.22
CA THR A 222 -15.31 6.64 22.28
C THR A 222 -15.14 5.26 21.61
N ASP A 223 -15.90 5.03 20.54
N ASP A 223 -15.90 4.96 20.55
CA ASP A 223 -15.85 3.79 19.81
CA ASP A 223 -15.76 3.68 19.86
C ASP A 223 -14.81 3.74 18.66
C ASP A 223 -14.66 3.63 18.76
N ASP A 224 -13.87 4.69 18.60
CA ASP A 224 -12.96 4.82 17.39
C ASP A 224 -11.65 4.09 17.65
N LEU A 225 -10.74 4.13 16.67
CA LEU A 225 -9.58 3.23 16.83
C LEU A 225 -8.61 3.82 17.87
N VAL A 226 -8.51 5.14 17.97
CA VAL A 226 -7.55 5.73 18.92
C VAL A 226 -7.94 5.32 20.34
N SER A 227 -9.26 5.34 20.62
CA SER A 227 -9.75 4.97 21.95
C SER A 227 -9.39 3.49 22.21
N ALA A 228 -9.62 2.64 21.22
CA ALA A 228 -9.35 1.20 21.31
C ALA A 228 -7.88 0.89 21.44
N LEU A 229 -7.02 1.62 20.72
CA LEU A 229 -5.55 1.52 20.98
C LEU A 229 -5.16 1.90 22.41
N VAL A 230 -5.73 3.02 22.93
CA VAL A 230 -5.44 3.41 24.30
C VAL A 230 -5.83 2.26 25.27
N GLN A 231 -6.96 1.58 25.04
CA GLN A 231 -7.46 0.58 25.99
C GLN A 231 -6.87 -0.80 25.78
N ALA A 232 -6.06 -0.97 24.73
CA ALA A 232 -5.57 -2.29 24.40
C ALA A 232 -4.60 -2.78 25.48
N ARG A 233 -4.75 -4.06 25.82
CA ARG A 233 -3.87 -4.72 26.80
C ARG A 233 -3.51 -6.10 26.26
N ASP A 234 -2.28 -6.52 26.46
CA ASP A 234 -1.87 -7.86 26.00
C ASP A 234 -0.87 -8.37 26.97
N GLN A 235 -1.08 -9.59 27.48
CA GLN A 235 -0.21 -10.13 28.54
C GLN A 235 0.04 -8.98 29.57
N GLN A 236 -1.01 -8.35 30.10
N GLN A 236 -1.06 -8.38 30.05
CA GLN A 236 -0.85 -7.29 31.16
CA GLN A 236 -1.02 -7.26 31.01
C GLN A 236 -0.18 -5.96 30.69
C GLN A 236 0.12 -6.29 30.68
N ASP A 237 0.19 -5.90 29.42
CA ASP A 237 1.11 -4.85 28.88
C ASP A 237 0.25 -3.88 28.01
N SER A 238 0.76 -2.71 27.68
CA SER A 238 -0.03 -1.71 26.89
C SER A 238 0.90 -0.80 26.10
N LEU A 239 0.32 0.00 25.19
CA LEU A 239 1.04 0.95 24.33
C LEU A 239 1.45 2.18 25.12
N SER A 240 2.71 2.58 25.00
CA SER A 240 3.15 3.80 25.69
C SER A 240 2.57 5.02 24.97
N GLU A 241 2.72 6.24 25.53
CA GLU A 241 2.22 7.43 24.84
C GLU A 241 2.93 7.62 23.48
N GLN A 242 4.26 7.44 23.46
CA GLN A 242 5.00 7.59 22.23
C GLN A 242 4.59 6.52 21.18
N GLU A 243 4.43 5.26 21.60
CA GLU A 243 3.99 4.20 20.68
C GLU A 243 2.61 4.54 20.10
N LEU A 244 1.66 4.99 20.94
CA LEU A 244 0.30 5.36 20.46
C LEU A 244 0.38 6.40 19.33
N LEU A 245 1.28 7.35 19.53
CA LEU A 245 1.33 8.51 18.63
C LEU A 245 1.97 8.08 17.28
N ASP A 246 3.08 7.36 17.40
CA ASP A 246 3.83 6.80 16.25
C ASP A 246 2.99 5.84 15.53
N LEU A 247 2.16 5.05 16.21
CA LEU A 247 1.26 4.12 15.52
C LEU A 247 0.13 4.81 14.75
N ALA A 248 -0.50 5.81 15.38
CA ALA A 248 -1.56 6.56 14.69
C ALA A 248 -1.04 7.28 13.41
N ILE A 249 0.11 7.94 13.50
CA ILE A 249 0.68 8.64 12.33
C ILE A 249 1.20 7.56 11.34
N GLY A 250 1.80 6.51 11.87
CA GLY A 250 2.24 5.43 10.99
C GLY A 250 1.11 4.81 10.20
N LEU A 251 -0.04 4.51 10.83
CA LEU A 251 -1.21 3.91 10.10
C LEU A 251 -1.69 4.87 8.99
N LEU A 252 -1.83 6.16 9.33
CA LEU A 252 -2.14 7.16 8.30
C LEU A 252 -1.23 7.05 7.05
N VAL A 253 0.08 7.18 7.25
CA VAL A 253 0.96 7.21 6.12
C VAL A 253 1.05 5.84 5.37
N ALA A 254 1.06 4.70 6.11
CA ALA A 254 1.06 3.38 5.49
C ALA A 254 -0.24 3.12 4.72
N GLY A 255 -1.35 3.75 5.13
CA GLY A 255 -2.65 3.43 4.56
C GLY A 255 -3.16 4.48 3.59
N TYR A 256 -2.44 5.56 3.39
CA TYR A 256 -2.99 6.61 2.52
C TYR A 256 -2.50 6.43 1.04
N GLU A 257 -1.25 6.74 0.76
CA GLU A 257 -0.79 6.72 -0.62
C GLU A 257 -0.94 5.38 -1.33
N SER A 258 -0.71 4.29 -0.58
N SER A 258 -0.72 4.27 -0.61
CA SER A 258 -0.85 2.96 -1.09
CA SER A 258 -0.85 2.98 -1.25
C SER A 258 -2.24 2.74 -1.71
C SER A 258 -2.27 2.73 -1.76
N THR A 259 -3.26 2.97 -0.89
CA THR A 259 -4.64 2.77 -1.23
C THR A 259 -5.05 3.73 -2.36
N THR A 260 -4.63 4.99 -2.25
CA THR A 260 -4.89 6.02 -3.29
C THR A 260 -4.34 5.55 -4.66
N THR A 261 -3.10 5.10 -4.61
CA THR A 261 -2.45 4.63 -5.85
C THR A 261 -3.16 3.44 -6.47
N GLN A 262 -3.53 2.49 -5.63
CA GLN A 262 -4.22 1.26 -6.03
C GLN A 262 -5.61 1.55 -6.54
N ILE A 263 -6.34 2.50 -5.92
CA ILE A 263 -7.62 2.91 -6.51
C ILE A 263 -7.39 3.44 -7.94
N ALA A 264 -6.44 4.36 -8.09
CA ALA A 264 -6.20 4.97 -9.43
C ALA A 264 -5.84 3.87 -10.48
N ASP A 265 -5.00 2.94 -10.08
CA ASP A 265 -4.58 1.86 -10.97
C ASP A 265 -5.73 0.94 -11.31
N PHE A 266 -6.54 0.53 -10.31
CA PHE A 266 -7.70 -0.36 -10.62
C PHE A 266 -8.71 0.31 -11.56
N VAL A 267 -8.99 1.58 -11.31
CA VAL A 267 -9.94 2.25 -12.18
C VAL A 267 -9.35 2.49 -13.60
N TYR A 268 -8.05 2.83 -13.68
CA TYR A 268 -7.38 2.90 -14.96
C TYR A 268 -7.58 1.59 -15.77
N LEU A 269 -7.45 0.43 -15.11
CA LEU A 269 -7.60 -0.90 -15.78
C LEU A 269 -9.04 -1.12 -16.19
N LEU A 270 -10.00 -0.80 -15.31
CA LEU A 270 -11.42 -0.92 -15.67
C LEU A 270 -11.77 -0.04 -16.91
N MET A 271 -11.25 1.18 -16.97
CA MET A 271 -11.57 2.12 -18.04
C MET A 271 -10.96 1.72 -19.38
N THR A 272 -9.88 0.96 -19.33
CA THR A 272 -9.12 0.66 -20.57
C THR A 272 -9.34 -0.78 -21.04
N ARG A 273 -9.92 -1.64 -20.19
CA ARG A 273 -10.24 -3.04 -20.58
C ARG A 273 -11.70 -3.27 -20.50
N PRO A 274 -12.38 -3.21 -21.66
CA PRO A 274 -13.85 -3.18 -21.61
C PRO A 274 -14.49 -4.37 -20.95
N GLU A 275 -13.94 -5.55 -21.18
CA GLU A 275 -14.52 -6.78 -20.61
C GLU A 275 -14.50 -6.78 -19.09
N LEU A 276 -13.49 -6.15 -18.51
CA LEU A 276 -13.38 -6.05 -17.05
C LEU A 276 -14.52 -5.15 -16.49
N ARG A 277 -14.69 -3.97 -17.08
CA ARG A 277 -15.78 -3.07 -16.68
C ARG A 277 -17.11 -3.82 -16.83
N ARG A 278 -17.33 -4.48 -18.00
CA ARG A 278 -18.60 -5.20 -18.23
C ARG A 278 -18.91 -6.23 -17.20
N GLN A 279 -17.90 -7.02 -16.88
CA GLN A 279 -18.12 -8.13 -15.94
C GLN A 279 -18.51 -7.62 -14.57
N LEU A 280 -17.93 -6.51 -14.15
CA LEU A 280 -18.24 -5.94 -12.81
C LEU A 280 -19.57 -5.16 -12.80
N LEU A 281 -19.96 -4.62 -13.97
CA LEU A 281 -21.31 -4.00 -14.12
C LEU A 281 -22.36 -5.06 -14.10
N ASP A 282 -22.14 -6.16 -14.81
CA ASP A 282 -23.12 -7.30 -14.89
C ASP A 282 -23.19 -8.13 -13.61
N ARG A 283 -22.07 -8.19 -12.88
CA ARG A 283 -21.97 -8.98 -11.65
C ARG A 283 -21.23 -8.22 -10.58
N PRO A 284 -21.93 -7.23 -9.94
CA PRO A 284 -21.22 -6.49 -8.90
C PRO A 284 -20.79 -7.37 -7.70
N GLU A 285 -21.41 -8.52 -7.51
CA GLU A 285 -20.96 -9.47 -6.47
C GLU A 285 -19.53 -10.01 -6.72
N LEU A 286 -19.02 -9.88 -7.96
CA LEU A 286 -17.62 -10.25 -8.27
C LEU A 286 -16.62 -9.21 -7.82
N ILE A 287 -17.09 -8.05 -7.33
CA ILE A 287 -16.14 -7.01 -6.94
C ILE A 287 -15.07 -7.45 -5.90
N PRO A 288 -15.50 -8.10 -4.78
CA PRO A 288 -14.41 -8.48 -3.88
C PRO A 288 -13.38 -9.43 -4.51
N SER A 289 -13.82 -10.40 -5.31
CA SER A 289 -12.83 -11.33 -5.98
C SER A 289 -11.99 -10.53 -7.02
N ALA A 290 -12.62 -9.54 -7.65
CA ALA A 290 -11.86 -8.66 -8.58
C ALA A 290 -10.77 -7.87 -7.88
N VAL A 291 -11.07 -7.31 -6.69
CA VAL A 291 -10.05 -6.66 -5.88
C VAL A 291 -8.88 -7.58 -5.55
N GLU A 292 -9.14 -8.83 -5.14
CA GLU A 292 -8.04 -9.80 -5.00
C GLU A 292 -7.23 -10.02 -6.29
N GLU A 293 -7.93 -10.18 -7.40
CA GLU A 293 -7.27 -10.44 -8.69
C GLU A 293 -6.45 -9.24 -9.14
N LEU A 294 -7.00 -8.02 -8.95
CA LEU A 294 -6.25 -6.84 -9.37
C LEU A 294 -5.06 -6.64 -8.45
N THR A 295 -5.23 -6.92 -7.15
CA THR A 295 -4.10 -6.82 -6.23
C THR A 295 -2.98 -7.83 -6.66
N ARG A 296 -3.37 -9.03 -7.09
CA ARG A 296 -2.37 -10.02 -7.55
C ARG A 296 -1.67 -9.45 -8.84
N TRP A 297 -2.48 -9.01 -9.77
CA TRP A 297 -1.99 -8.69 -11.12
C TRP A 297 -1.16 -7.43 -11.20
N VAL A 298 -1.64 -6.34 -10.58
CA VAL A 298 -0.94 -5.06 -10.66
C VAL A 298 0.38 -5.09 -9.93
N PRO A 299 1.48 -4.92 -10.69
CA PRO A 299 2.81 -4.82 -10.08
C PRO A 299 2.98 -3.40 -9.58
N LEU A 300 2.46 -3.16 -8.36
CA LEU A 300 2.28 -1.82 -7.87
C LEU A 300 3.61 -1.17 -7.52
N GLY A 301 4.56 -1.94 -6.94
CA GLY A 301 5.86 -1.38 -6.59
C GLY A 301 6.68 -1.11 -7.86
N VAL A 302 7.46 -0.02 -7.82
CA VAL A 302 8.48 0.21 -8.85
C VAL A 302 9.51 -0.91 -8.72
N GLY A 303 9.91 -1.17 -7.46
CA GLY A 303 10.82 -2.27 -7.09
C GLY A 303 10.13 -3.36 -6.27
N THR A 304 10.79 -3.79 -5.20
CA THR A 304 10.31 -4.94 -4.42
C THR A 304 9.68 -4.56 -3.06
N ALA A 305 9.31 -5.56 -2.28
CA ALA A 305 9.10 -5.38 -0.85
C ALA A 305 10.40 -4.79 -0.25
N PHE A 306 10.34 -4.19 0.96
CA PHE A 306 11.50 -3.63 1.61
C PHE A 306 12.55 -4.74 1.79
N PRO A 307 13.83 -4.38 1.74
CA PRO A 307 14.88 -5.40 1.72
C PRO A 307 14.86 -6.22 3.05
N ARG A 308 15.11 -7.51 2.95
CA ARG A 308 15.31 -8.38 4.11
C ARG A 308 16.80 -8.68 4.22
N TYR A 309 17.32 -8.86 5.44
CA TYR A 309 18.76 -9.00 5.64
C TYR A 309 18.97 -10.38 6.24
N ALA A 310 19.85 -11.18 5.65
CA ALA A 310 20.16 -12.52 6.15
C ALA A 310 20.75 -12.43 7.54
N VAL A 311 20.27 -13.25 8.45
CA VAL A 311 20.91 -13.20 9.77
C VAL A 311 22.02 -14.25 9.82
N GLU A 312 21.98 -15.22 8.89
CA GLU A 312 23.01 -16.24 8.81
C GLU A 312 23.06 -16.67 7.37
N ASP A 313 24.02 -17.53 6.96
CA ASP A 313 24.07 -17.85 5.53
C ASP A 313 22.84 -18.66 5.16
N VAL A 314 22.19 -18.31 4.08
CA VAL A 314 21.01 -19.01 3.66
C VAL A 314 21.23 -19.44 2.21
N THR A 315 21.01 -20.74 1.88
CA THR A 315 21.01 -21.20 0.50
C THR A 315 19.61 -21.13 -0.10
N LEU A 316 19.48 -20.42 -1.22
CA LEU A 316 18.22 -20.34 -1.88
C LEU A 316 18.48 -20.73 -3.35
N ARG A 317 17.77 -21.79 -3.86
CA ARG A 317 18.02 -22.44 -5.17
C ARG A 317 19.47 -22.55 -5.48
N GLY A 318 20.24 -23.06 -4.53
CA GLY A 318 21.64 -23.30 -4.80
C GLY A 318 22.58 -22.13 -4.60
N VAL A 319 22.04 -20.91 -4.42
CA VAL A 319 22.87 -19.74 -4.23
C VAL A 319 23.03 -19.40 -2.75
N THR A 320 24.25 -19.19 -2.27
CA THR A 320 24.48 -18.82 -0.90
C THR A 320 24.31 -17.34 -0.72
N ILE A 321 23.32 -16.96 0.09
CA ILE A 321 23.19 -15.58 0.51
C ILE A 321 23.87 -15.47 1.88
N ARG A 322 24.90 -14.67 2.00
CA ARG A 322 25.76 -14.68 3.17
C ARG A 322 25.15 -13.85 4.26
N ALA A 323 25.42 -14.19 5.50
CA ALA A 323 24.94 -13.39 6.65
C ALA A 323 25.20 -11.90 6.44
N GLY A 324 24.18 -11.08 6.65
CA GLY A 324 24.32 -9.62 6.51
C GLY A 324 23.83 -9.09 5.17
N GLU A 325 23.74 -9.97 4.14
CA GLU A 325 23.41 -9.50 2.80
C GLU A 325 21.94 -9.17 2.67
N PRO A 326 21.61 -8.12 1.89
CA PRO A 326 20.21 -7.85 1.64
C PRO A 326 19.58 -8.60 0.47
N VAL A 327 18.30 -8.86 0.64
CA VAL A 327 17.48 -9.58 -0.38
C VAL A 327 16.24 -8.78 -0.77
N LEU A 328 16.05 -8.55 -2.08
CA LEU A 328 14.87 -7.87 -2.61
C LEU A 328 13.91 -8.92 -3.11
N ALA A 329 12.74 -9.01 -2.50
CA ALA A 329 11.78 -10.07 -2.82
C ALA A 329 10.64 -9.41 -3.59
N SER A 330 10.57 -9.64 -4.90
CA SER A 330 9.58 -8.95 -5.76
C SER A 330 8.23 -9.62 -5.67
N THR A 331 7.28 -9.01 -4.90
CA THR A 331 5.93 -9.57 -4.88
C THR A 331 5.23 -9.35 -6.23
N GLY A 332 5.61 -8.26 -6.93
CA GLY A 332 5.17 -7.99 -8.31
C GLY A 332 5.42 -9.17 -9.26
N ALA A 333 6.70 -9.59 -9.31
CA ALA A 333 7.06 -10.80 -10.10
C ALA A 333 6.40 -12.10 -9.54
N ALA A 334 6.48 -12.26 -8.21
CA ALA A 334 5.88 -13.44 -7.57
C ALA A 334 4.42 -13.68 -8.00
N ASN A 335 3.60 -12.60 -7.98
CA ASN A 335 2.17 -12.72 -8.26
C ASN A 335 1.87 -12.98 -9.72
N ARG A 336 2.89 -12.88 -10.56
CA ARG A 336 2.76 -13.13 -11.98
C ARG A 336 3.58 -14.37 -12.39
N ASP A 337 3.96 -15.19 -11.43
CA ASP A 337 4.72 -16.44 -11.68
C ASP A 337 3.77 -17.49 -12.31
N GLN A 338 4.08 -17.90 -13.55
CA GLN A 338 3.26 -18.88 -14.22
C GLN A 338 3.31 -20.22 -13.50
N ALA A 339 4.30 -20.46 -12.65
CA ALA A 339 4.31 -21.73 -11.92
C ALA A 339 3.23 -21.75 -10.81
N GLN A 340 2.83 -20.57 -10.31
CA GLN A 340 1.84 -20.51 -9.18
C GLN A 340 0.43 -20.19 -9.64
N PHE A 341 0.31 -19.32 -10.65
CA PHE A 341 -1.00 -18.86 -11.19
C PHE A 341 -1.20 -19.26 -12.65
N PRO A 342 -2.14 -20.24 -12.92
CA PRO A 342 -2.35 -20.60 -14.33
C PRO A 342 -2.66 -19.38 -15.19
N ASP A 343 -1.89 -19.21 -16.28
CA ASP A 343 -2.10 -18.05 -17.20
C ASP A 343 -1.99 -16.77 -16.34
N ALA A 344 -0.79 -16.54 -15.79
CA ALA A 344 -0.59 -15.58 -14.73
C ALA A 344 -0.79 -14.11 -15.22
N ASP A 345 -0.70 -13.89 -16.52
CA ASP A 345 -0.81 -12.53 -17.06
C ASP A 345 -2.26 -12.20 -17.42
N ARG A 346 -3.15 -13.18 -17.37
CA ARG A 346 -4.56 -12.88 -17.55
C ARG A 346 -5.19 -12.33 -16.27
N ILE A 347 -5.99 -11.29 -16.41
CA ILE A 347 -6.85 -10.83 -15.32
C ILE A 347 -8.16 -11.60 -15.33
N ASP A 348 -8.31 -12.49 -14.34
CA ASP A 348 -9.52 -13.31 -14.28
C ASP A 348 -10.18 -12.94 -12.97
N VAL A 349 -11.26 -12.15 -13.04
CA VAL A 349 -11.79 -11.53 -11.80
C VAL A 349 -12.41 -12.58 -10.93
N ASP A 350 -12.59 -13.79 -11.48
CA ASP A 350 -13.09 -14.90 -10.69
C ASP A 350 -12.01 -15.96 -10.33
N ARG A 351 -10.74 -15.54 -10.34
CA ARG A 351 -9.63 -16.51 -10.13
C ARG A 351 -9.70 -17.15 -8.75
N THR A 352 -9.73 -18.50 -8.77
CA THR A 352 -9.65 -19.34 -7.57
C THR A 352 -8.71 -20.50 -7.89
N PRO A 353 -7.75 -20.80 -7.02
CA PRO A 353 -7.42 -20.06 -5.77
C PRO A 353 -6.66 -18.81 -6.17
N ASN A 354 -6.38 -17.98 -5.19
CA ASN A 354 -5.66 -16.76 -5.45
C ASN A 354 -4.86 -16.34 -4.22
N GLN A 355 -3.79 -17.08 -3.94
CA GLN A 355 -2.96 -16.82 -2.77
C GLN A 355 -1.82 -15.86 -3.07
N HIS A 356 -2.21 -14.63 -3.40
CA HIS A 356 -1.24 -13.66 -3.88
C HIS A 356 -0.52 -13.04 -2.70
N LEU A 357 0.59 -12.37 -3.00
CA LEU A 357 1.47 -11.74 -2.02
C LEU A 357 1.36 -10.21 -2.09
N GLY A 358 0.28 -9.74 -2.71
CA GLY A 358 0.14 -8.31 -2.95
C GLY A 358 -0.02 -7.48 -1.68
N PHE A 359 -0.40 -8.16 -0.55
CA PHE A 359 -0.41 -7.55 0.77
C PHE A 359 0.75 -8.07 1.63
N GLY A 360 1.76 -8.64 0.97
CA GLY A 360 2.91 -9.13 1.66
C GLY A 360 2.61 -10.53 2.19
N HIS A 361 3.45 -10.94 3.13
CA HIS A 361 3.50 -12.36 3.63
C HIS A 361 4.39 -12.38 4.86
N GLY A 362 4.15 -13.32 5.78
CA GLY A 362 4.98 -13.41 7.01
C GLY A 362 4.52 -12.41 8.07
N VAL A 363 5.39 -12.07 9.02
CA VAL A 363 4.91 -11.32 10.20
C VAL A 363 4.56 -9.86 9.83
N HIS A 364 5.09 -9.37 8.71
CA HIS A 364 4.85 -7.95 8.34
C HIS A 364 3.70 -7.83 7.33
N HIS A 365 2.99 -8.92 7.03
N HIS A 365 2.97 -8.90 7.07
CA HIS A 365 1.85 -8.87 6.09
CA HIS A 365 1.85 -8.88 6.14
C HIS A 365 0.97 -7.64 6.43
C HIS A 365 0.87 -7.69 6.44
N CYS A 366 0.46 -6.95 5.40
CA CYS A 366 -0.25 -5.69 5.60
C CYS A 366 -1.27 -5.73 6.72
N LEU A 367 -1.01 -4.96 7.76
CA LEU A 367 -2.00 -4.98 8.87
C LEU A 367 -3.27 -4.19 8.53
N GLY A 368 -3.20 -3.36 7.47
CA GLY A 368 -4.36 -2.57 7.07
C GLY A 368 -5.22 -3.27 6.02
N ALA A 369 -4.86 -4.52 5.66
CA ALA A 369 -5.41 -5.16 4.46
C ALA A 369 -6.94 -5.34 4.53
N PRO A 370 -7.51 -5.66 5.73
CA PRO A 370 -8.97 -5.79 5.71
C PRO A 370 -9.58 -4.42 5.38
N LEU A 371 -8.98 -3.35 5.88
CA LEU A 371 -9.55 -2.02 5.58
C LEU A 371 -9.27 -1.63 4.12
N ALA A 372 -8.06 -1.92 3.62
CA ALA A 372 -7.74 -1.64 2.20
C ALA A 372 -8.74 -2.35 1.27
N ARG A 373 -9.08 -3.58 1.62
CA ARG A 373 -10.07 -4.34 0.85
C ARG A 373 -11.44 -3.66 0.85
N VAL A 374 -11.95 -3.27 2.02
CA VAL A 374 -13.20 -2.55 2.07
C VAL A 374 -13.17 -1.30 1.18
N GLU A 375 -12.07 -0.56 1.26
CA GLU A 375 -12.04 0.68 0.50
C GLU A 375 -11.96 0.42 -0.99
N LEU A 376 -11.12 -0.58 -1.42
CA LEU A 376 -10.96 -0.80 -2.84
C LEU A 376 -12.28 -1.32 -3.36
N GLN A 377 -12.97 -2.18 -2.56
CA GLN A 377 -14.29 -2.70 -3.00
C GLN A 377 -15.29 -1.56 -3.12
N VAL A 378 -15.30 -0.70 -2.10
CA VAL A 378 -16.27 0.41 -2.07
C VAL A 378 -15.98 1.35 -3.30
N ALA A 379 -14.71 1.70 -3.52
CA ALA A 379 -14.34 2.51 -4.67
C ALA A 379 -14.92 1.95 -5.96
N LEU A 380 -14.78 0.66 -6.21
CA LEU A 380 -15.28 0.08 -7.48
C LEU A 380 -16.79 0.06 -7.47
N GLU A 381 -17.39 -0.35 -6.35
CA GLU A 381 -18.84 -0.39 -6.24
C GLU A 381 -19.44 0.97 -6.59
N VAL A 382 -18.96 2.03 -5.94
CA VAL A 382 -19.59 3.33 -6.06
C VAL A 382 -19.30 3.95 -7.42
N LEU A 383 -18.06 3.87 -7.90
CA LEU A 383 -17.74 4.42 -9.24
C LEU A 383 -18.59 3.76 -10.32
N LEU A 384 -18.69 2.42 -10.27
CA LEU A 384 -19.50 1.68 -11.25
C LEU A 384 -21.03 1.94 -11.16
N GLN A 385 -21.54 2.06 -9.93
CA GLN A 385 -22.95 2.37 -9.71
C GLN A 385 -23.29 3.80 -10.25
N ARG A 386 -22.45 4.76 -9.95
CA ARG A 386 -22.74 6.15 -10.24
C ARG A 386 -22.33 6.57 -11.65
N LEU A 387 -21.22 5.97 -12.14
CA LEU A 387 -20.59 6.37 -13.40
C LEU A 387 -20.30 5.13 -14.25
N PRO A 388 -21.35 4.37 -14.62
CA PRO A 388 -21.00 3.13 -15.35
C PRO A 388 -20.24 3.35 -16.68
N GLY A 389 -20.41 4.51 -17.29
CA GLY A 389 -19.69 4.84 -18.51
C GLY A 389 -18.33 5.52 -18.30
N ILE A 390 -17.81 5.55 -17.08
CA ILE A 390 -16.53 6.24 -16.83
C ILE A 390 -15.42 5.71 -17.78
N ARG A 391 -14.67 6.62 -18.40
CA ARG A 391 -13.61 6.24 -19.38
C ARG A 391 -12.65 7.41 -19.45
N LEU A 392 -11.47 7.18 -20.00
CA LEU A 392 -10.45 8.23 -20.10
C LEU A 392 -10.95 9.38 -20.97
N GLY A 393 -10.62 10.60 -20.59
CA GLY A 393 -10.99 11.77 -21.43
C GLY A 393 -9.85 12.24 -22.29
N ILE A 394 -8.70 11.53 -22.28
CA ILE A 394 -7.52 11.82 -23.11
C ILE A 394 -7.06 10.47 -23.65
N PRO A 395 -6.34 10.43 -24.80
CA PRO A 395 -5.73 9.10 -25.19
C PRO A 395 -4.90 8.49 -24.06
N GLU A 396 -4.96 7.18 -23.93
CA GLU A 396 -4.19 6.47 -22.90
C GLU A 396 -2.71 6.79 -23.00
N THR A 397 -2.20 6.87 -24.24
CA THR A 397 -0.78 7.23 -24.42
C THR A 397 -0.40 8.66 -23.93
N GLN A 398 -1.38 9.53 -23.66
CA GLN A 398 -1.06 10.87 -23.12
C GLN A 398 -1.10 11.00 -21.59
N LEU A 399 -1.38 9.91 -20.87
CA LEU A 399 -1.46 9.95 -19.39
C LEU A 399 -0.08 10.27 -18.85
N ARG A 400 -0.04 11.07 -17.79
N ARG A 400 -0.04 11.07 -17.79
CA ARG A 400 1.19 11.42 -17.11
CA ARG A 400 1.17 11.43 -17.08
C ARG A 400 1.30 10.49 -15.88
C ARG A 400 1.29 10.48 -15.89
N TRP A 401 2.44 9.83 -15.74
CA TRP A 401 2.67 8.82 -14.70
C TRP A 401 3.51 9.36 -13.60
N SER A 402 3.26 8.91 -12.38
CA SER A 402 4.10 9.31 -11.24
C SER A 402 5.57 8.89 -11.35
N GLU A 403 6.43 9.85 -11.05
CA GLU A 403 7.83 9.63 -10.87
C GLU A 403 8.23 9.72 -9.40
N GLY A 404 7.31 9.42 -8.48
CA GLY A 404 7.69 9.31 -7.03
C GLY A 404 8.72 8.21 -6.72
N MET A 405 8.70 7.15 -7.55
CA MET A 405 9.72 6.05 -7.57
C MET A 405 9.46 4.94 -6.57
N LEU A 406 8.38 5.04 -5.81
CA LEU A 406 8.05 3.99 -4.84
C LEU A 406 7.00 3.07 -5.40
N LEU A 407 5.90 3.69 -5.85
CA LEU A 407 4.77 2.98 -6.41
C LEU A 407 4.54 3.55 -7.79
N ARG A 408 3.82 2.78 -8.60
CA ARG A 408 3.44 3.17 -9.95
C ARG A 408 1.99 3.49 -10.05
N GLY A 409 1.70 4.66 -10.66
CA GLY A 409 0.33 5.00 -10.92
C GLY A 409 0.19 6.34 -11.60
N PRO A 410 -1.01 6.64 -12.12
CA PRO A 410 -1.10 7.87 -12.90
C PRO A 410 -1.09 9.11 -12.00
N LEU A 411 -0.48 10.22 -12.49
CA LEU A 411 -0.47 11.46 -11.73
C LEU A 411 -1.83 12.11 -11.81
N GLU A 412 -2.45 12.01 -12.99
CA GLU A 412 -3.83 12.53 -13.25
C GLU A 412 -4.56 11.54 -14.08
N LEU A 413 -5.85 11.45 -13.87
CA LEU A 413 -6.70 10.56 -14.64
C LEU A 413 -7.93 11.33 -15.08
N PRO A 414 -7.80 12.13 -16.15
CA PRO A 414 -8.96 12.87 -16.66
C PRO A 414 -9.99 11.86 -17.12
N VAL A 415 -11.21 11.97 -16.61
CA VAL A 415 -12.24 11.01 -16.96
C VAL A 415 -13.46 11.71 -17.43
N VAL A 416 -14.27 11.00 -18.22
CA VAL A 416 -15.59 11.44 -18.69
C VAL A 416 -16.55 10.29 -18.48
N TRP A 417 -17.84 10.56 -18.53
CA TRP A 417 -18.84 9.54 -18.28
C TRP A 417 -20.17 10.01 -18.89
#